data_5MR7
#
_entry.id   5MR7
#
_cell.length_a   54.193
_cell.length_b   48.274
_cell.length_c   101.304
_cell.angle_alpha   90.00
_cell.angle_beta   102.92
_cell.angle_gamma   90.00
#
_symmetry.space_group_name_H-M   'P 1 21 1'
#
loop_
_entity.id
_entity.type
_entity.pdbx_description
1 polymer 'Grainyhead-like protein 2 homolog'
2 water water
#
_entity_poly.entity_id   1
_entity_poly.type   'polypeptide(L)'
_entity_poly.pdbx_seq_one_letter_code
;GSSESFKDAATEKFRSASVGAEEYMYDQTSSGTFQYTLEATKSLRQKQGEGPMTYLNKGQFYAITLSETGDNKCFRHPIS
KVRSVVMVVFSEDKNRDEQLKYWKYWHSRQHTAKQRVLDIADYKESFNTIGNIEEIAYNAVSFTWDVNEEAKIFITVNCL
STDFSSQKGVKGLPLMIQIDTYSYNNRSNKPIHRAYCQIKVFCDKGAERKIRDEERKQNRKKGKGQASQTQCNSSSDGKL
AAIPLQKKSDITYFKTMPDLHSQPVLFIPDVHFANLQR
;
_entity_poly.pdbx_strand_id   A,B
#
# COMPACT_ATOMS: atom_id res chain seq x y z
N THR A 33 -22.05 -1.99 -29.22
CA THR A 33 -21.10 -1.17 -29.97
C THR A 33 -19.71 -1.28 -29.30
N PHE A 34 -19.47 -0.69 -28.12
CA PHE A 34 -18.17 -0.79 -27.47
C PHE A 34 -18.16 -1.79 -26.33
N GLN A 35 -16.95 -2.23 -25.95
CA GLN A 35 -16.73 -3.19 -24.88
C GLN A 35 -15.38 -2.98 -24.20
N TYR A 36 -15.40 -2.92 -22.85
CA TYR A 36 -14.18 -2.76 -22.06
C TYR A 36 -14.03 -3.88 -21.05
N THR A 37 -12.78 -4.26 -20.80
CA THR A 37 -12.50 -5.31 -19.81
C THR A 37 -11.45 -4.87 -18.81
N LEU A 38 -11.50 -5.46 -17.62
CA LEU A 38 -10.52 -5.26 -16.56
C LEU A 38 -9.95 -6.63 -16.19
N GLU A 39 -8.62 -6.80 -16.34
CA GLU A 39 -7.94 -8.04 -16.03
C GLU A 39 -7.46 -7.96 -14.57
N ALA A 40 -8.32 -8.41 -13.64
CA ALA A 40 -8.02 -8.45 -12.20
C ALA A 40 -8.66 -9.62 -11.51
N THR A 41 -8.44 -9.64 -10.18
CA THR A 41 -8.94 -10.63 -9.26
C THR A 41 -10.46 -10.64 -9.34
N LYS A 42 -10.95 -11.84 -9.64
CA LYS A 42 -12.34 -12.21 -9.82
C LYS A 42 -13.14 -12.08 -8.51
N SER A 43 -14.26 -11.34 -8.55
CA SER A 43 -15.11 -11.27 -7.38
C SER A 43 -16.36 -12.18 -7.52
N GLY A 51 -23.82 -4.44 -10.71
CA GLY A 51 -23.31 -5.31 -11.76
C GLY A 51 -21.86 -5.77 -11.57
N PRO A 52 -20.90 -5.19 -12.37
CA PRO A 52 -19.49 -5.60 -12.23
C PRO A 52 -18.82 -5.04 -10.98
N MET A 53 -18.14 -5.92 -10.24
CA MET A 53 -17.40 -5.60 -9.03
C MET A 53 -16.06 -6.32 -9.08
N THR A 54 -14.98 -5.58 -8.79
CA THR A 54 -13.62 -6.12 -8.82
C THR A 54 -12.80 -5.58 -7.64
N TYR A 55 -11.95 -6.44 -7.09
CA TYR A 55 -11.10 -6.07 -5.95
C TYR A 55 -9.71 -5.76 -6.47
N LEU A 56 -9.21 -4.58 -6.15
CA LEU A 56 -7.90 -4.14 -6.61
C LEU A 56 -6.99 -3.86 -5.43
N ASN A 57 -5.69 -3.95 -5.65
CA ASN A 57 -4.68 -3.61 -4.66
C ASN A 57 -4.07 -2.27 -5.09
N LYS A 58 -3.95 -1.35 -4.16
CA LYS A 58 -3.35 -0.03 -4.32
C LYS A 58 -1.92 -0.14 -4.87
N GLY A 59 -1.61 0.64 -5.91
CA GLY A 59 -0.29 0.70 -6.52
C GLY A 59 0.07 -0.42 -7.45
N GLN A 60 -0.80 -1.44 -7.55
CA GLN A 60 -0.68 -2.58 -8.46
C GLN A 60 -1.37 -2.22 -9.79
N PHE A 61 -0.70 -2.45 -10.92
CA PHE A 61 -1.21 -2.16 -12.27
C PHE A 61 -2.13 -3.24 -12.80
N TYR A 62 -3.23 -2.85 -13.40
CA TYR A 62 -4.19 -3.79 -13.98
C TYR A 62 -4.51 -3.41 -15.39
N ALA A 63 -4.57 -4.39 -16.26
CA ALA A 63 -4.84 -4.22 -17.68
C ALA A 63 -6.30 -3.98 -17.97
N ILE A 64 -6.55 -2.87 -18.66
CA ILE A 64 -7.87 -2.48 -19.17
C ILE A 64 -7.74 -2.62 -20.67
N THR A 65 -8.77 -3.18 -21.32
CA THR A 65 -8.78 -3.32 -22.77
C THR A 65 -9.96 -2.59 -23.36
N LEU A 66 -9.69 -1.76 -24.35
CA LEU A 66 -10.71 -0.97 -25.01
C LEU A 66 -10.84 -1.48 -26.43
N SER A 67 -12.05 -1.88 -26.82
CA SER A 67 -12.32 -2.37 -28.16
C SER A 67 -13.66 -1.88 -28.69
N GLU A 68 -13.74 -1.75 -30.02
CA GLU A 68 -14.96 -1.35 -30.70
C GLU A 68 -15.50 -2.64 -31.34
N THR A 69 -16.72 -3.04 -30.95
CA THR A 69 -17.41 -4.26 -31.44
C THR A 69 -17.97 -4.09 -32.88
N CYS A 74 -18.92 0.63 -39.14
CA CYS A 74 -19.28 2.03 -38.96
C CYS A 74 -18.07 2.97 -39.13
N PHE A 75 -16.85 2.41 -39.03
CA PHE A 75 -15.61 3.17 -39.13
C PHE A 75 -14.76 2.77 -40.31
N ARG A 76 -14.35 3.76 -41.11
CA ARG A 76 -13.50 3.60 -42.28
C ARG A 76 -12.58 4.78 -42.46
N HIS A 77 -11.29 4.51 -42.63
CA HIS A 77 -10.29 5.55 -42.80
C HIS A 77 -10.72 6.61 -43.79
N PRO A 78 -10.56 7.87 -43.40
CA PRO A 78 -9.86 8.33 -42.19
C PRO A 78 -10.68 8.34 -40.88
N ILE A 79 -11.93 7.87 -40.87
CA ILE A 79 -12.74 7.87 -39.65
C ILE A 79 -12.39 6.66 -38.78
N SER A 80 -11.20 6.66 -38.14
CA SER A 80 -10.82 5.50 -37.34
C SER A 80 -10.72 5.75 -35.83
N LYS A 81 -10.24 6.93 -35.44
CA LYS A 81 -9.99 7.26 -34.03
C LYS A 81 -11.19 7.72 -33.19
N VAL A 82 -11.05 7.44 -31.88
CA VAL A 82 -11.95 7.84 -30.80
C VAL A 82 -11.03 8.27 -29.66
N ARG A 83 -11.58 8.95 -28.69
CA ARG A 83 -10.85 9.42 -27.54
C ARG A 83 -11.61 8.94 -26.30
N SER A 84 -10.97 8.06 -25.51
CA SER A 84 -11.56 7.56 -24.27
C SER A 84 -10.96 8.23 -23.03
N VAL A 85 -11.81 8.39 -22.00
CA VAL A 85 -11.46 8.94 -20.71
C VAL A 85 -11.71 7.87 -19.64
N VAL A 86 -10.65 7.44 -18.96
CA VAL A 86 -10.70 6.45 -17.87
C VAL A 86 -10.65 7.27 -16.57
N MET A 87 -11.66 7.08 -15.68
CA MET A 87 -11.81 7.83 -14.42
C MET A 87 -12.02 6.94 -13.19
N VAL A 88 -11.69 7.46 -12.02
CA VAL A 88 -11.97 6.83 -10.72
C VAL A 88 -12.91 7.81 -10.00
N VAL A 89 -14.18 7.44 -9.90
CA VAL A 89 -15.26 8.27 -9.37
C VAL A 89 -16.07 7.45 -8.32
N PHE A 90 -17.05 8.08 -7.62
CA PHE A 90 -17.87 7.39 -6.63
C PHE A 90 -19.13 6.76 -7.24
N SER A 91 -19.46 5.55 -6.77
CA SER A 91 -20.58 4.71 -7.20
C SER A 91 -21.95 5.17 -6.68
N GLU A 92 -22.07 5.46 -5.38
CA GLU A 92 -23.31 5.85 -4.69
C GLU A 92 -24.06 7.02 -5.32
N ASP A 93 -23.38 7.77 -6.22
CA ASP A 93 -23.91 8.93 -6.93
C ASP A 93 -24.36 10.00 -5.95
N LYS A 94 -23.39 10.51 -5.17
CA LYS A 94 -23.53 11.60 -4.21
C LYS A 94 -23.41 12.91 -5.00
N ASN A 95 -23.86 14.05 -4.43
CA ASN A 95 -23.75 15.28 -5.22
C ASN A 95 -22.28 15.68 -5.44
N ARG A 96 -22.05 16.36 -6.55
CA ARG A 96 -20.76 16.84 -7.01
C ARG A 96 -19.91 17.40 -5.88
N ASP A 97 -20.51 18.28 -5.07
CA ASP A 97 -19.85 18.93 -3.94
C ASP A 97 -19.42 17.95 -2.88
N GLU A 98 -20.20 16.86 -2.67
CA GLU A 98 -19.90 15.78 -1.73
C GLU A 98 -18.67 15.07 -2.22
N GLN A 99 -18.65 14.75 -3.51
CA GLN A 99 -17.57 13.99 -4.16
C GLN A 99 -16.23 14.75 -4.16
N LEU A 100 -16.26 16.09 -4.35
CA LEU A 100 -15.05 16.91 -4.30
C LEU A 100 -14.57 17.07 -2.87
N LYS A 101 -15.49 16.85 -1.90
CA LYS A 101 -15.19 16.88 -0.46
C LYS A 101 -14.34 15.66 -0.12
N TYR A 102 -14.74 14.46 -0.57
CA TYR A 102 -13.99 13.20 -0.32
C TYR A 102 -12.63 13.24 -0.98
N TRP A 103 -12.51 13.84 -2.17
CA TRP A 103 -11.22 13.97 -2.85
C TRP A 103 -10.23 14.90 -2.13
N LYS A 104 -10.68 16.11 -1.67
CA LYS A 104 -9.82 17.05 -0.91
C LYS A 104 -9.35 16.48 0.42
N TYR A 105 -10.23 15.73 1.12
CA TYR A 105 -9.91 15.02 2.36
C TYR A 105 -8.84 13.97 2.08
N TRP A 106 -9.00 13.19 1.03
CA TRP A 106 -8.04 12.18 0.62
C TRP A 106 -6.71 12.83 0.24
N HIS A 107 -6.76 13.87 -0.62
CA HIS A 107 -5.59 14.58 -1.11
C HIS A 107 -4.76 15.23 0.03
N SER A 108 -5.44 15.79 1.05
CA SER A 108 -4.81 16.43 2.20
C SER A 108 -4.03 15.46 3.09
N ARG A 109 -4.40 14.17 3.05
CA ARG A 109 -3.78 13.09 3.84
C ARG A 109 -2.60 12.39 3.12
N GLN A 110 -2.28 12.79 1.87
CA GLN A 110 -1.16 12.20 1.09
C GLN A 110 0.16 12.84 1.50
N HIS A 111 1.27 12.14 1.28
CA HIS A 111 2.64 12.55 1.62
C HIS A 111 3.24 13.58 0.65
N THR A 112 2.65 13.63 -0.55
CA THR A 112 3.02 14.53 -1.63
C THR A 112 1.76 15.10 -2.32
N ALA A 113 1.80 16.40 -2.72
CA ALA A 113 0.72 17.12 -3.44
C ALA A 113 0.63 16.62 -4.88
N LYS A 114 1.72 15.98 -5.39
CA LYS A 114 1.81 15.43 -6.77
C LYS A 114 1.10 14.08 -6.89
N GLN A 115 0.69 13.45 -5.77
CA GLN A 115 0.04 12.14 -5.74
C GLN A 115 -1.33 12.18 -6.37
N ARG A 116 -1.52 11.33 -7.41
CA ARG A 116 -2.74 11.16 -8.18
C ARG A 116 -3.52 9.93 -7.69
N VAL A 117 -4.84 9.95 -7.91
CA VAL A 117 -5.77 8.85 -7.62
C VAL A 117 -5.55 7.76 -8.69
N LEU A 118 -5.51 8.19 -9.95
CA LEU A 118 -5.33 7.33 -11.10
C LEU A 118 -4.01 7.63 -11.79
N ASP A 119 -3.26 6.55 -12.08
CA ASP A 119 -2.00 6.56 -12.80
C ASP A 119 -2.00 5.52 -13.91
N ILE A 120 -1.30 5.83 -15.01
CA ILE A 120 -1.17 5.00 -16.20
C ILE A 120 0.31 4.60 -16.36
N ALA A 121 0.56 3.30 -16.66
CA ALA A 121 1.89 2.72 -16.88
C ALA A 121 2.33 2.94 -18.31
N ASP A 122 3.62 3.25 -18.48
CA ASP A 122 4.25 3.55 -19.77
C ASP A 122 4.63 2.34 -20.62
N TYR A 123 4.24 1.11 -20.19
CA TYR A 123 4.57 -0.14 -20.90
C TYR A 123 4.26 -0.08 -22.41
N LYS A 124 5.20 -0.61 -23.24
CA LYS A 124 5.14 -0.65 -24.72
C LYS A 124 3.87 -1.30 -25.24
N GLU A 125 3.44 -2.44 -24.61
CA GLU A 125 2.20 -3.15 -24.93
C GLU A 125 1.03 -2.15 -25.03
N SER A 126 1.00 -1.20 -24.08
CA SER A 126 -0.02 -0.18 -24.03
C SER A 126 0.25 1.00 -24.95
N PHE A 127 1.42 1.62 -24.81
CA PHE A 127 1.76 2.86 -25.51
C PHE A 127 1.87 2.71 -27.04
N ASN A 128 2.00 1.48 -27.54
CA ASN A 128 2.02 1.27 -28.97
C ASN A 128 0.59 1.29 -29.53
N THR A 129 -0.40 0.93 -28.68
CA THR A 129 -1.82 0.85 -29.09
C THR A 129 -2.61 2.16 -28.87
N ILE A 130 -2.06 3.10 -28.12
CA ILE A 130 -2.75 4.35 -27.78
C ILE A 130 -1.89 5.60 -28.02
N GLY A 131 -2.56 6.72 -28.20
CA GLY A 131 -1.90 8.00 -28.42
C GLY A 131 -2.53 9.11 -27.61
N ASN A 132 -1.94 10.30 -27.73
CA ASN A 132 -2.42 11.51 -27.10
C ASN A 132 -2.78 11.31 -25.63
N ILE A 133 -1.85 10.75 -24.83
CA ILE A 133 -2.09 10.47 -23.41
C ILE A 133 -1.99 11.74 -22.64
N GLU A 134 -3.11 12.11 -21.98
CA GLU A 134 -3.28 13.31 -21.17
C GLU A 134 -3.78 12.96 -19.76
N GLU A 135 -3.10 13.48 -18.72
CA GLU A 135 -3.51 13.29 -17.32
C GLU A 135 -4.36 14.52 -17.02
N ILE A 136 -5.60 14.49 -17.54
CA ILE A 136 -6.54 15.63 -17.48
C ILE A 136 -6.98 16.01 -16.06
N ALA A 137 -6.92 15.06 -15.09
CA ALA A 137 -7.30 15.30 -13.68
C ALA A 137 -6.58 14.32 -12.82
N TYR A 138 -6.67 14.45 -11.48
CA TYR A 138 -6.00 13.50 -10.58
C TYR A 138 -6.63 12.12 -10.63
N ASN A 139 -7.90 12.06 -11.02
CA ASN A 139 -8.62 10.81 -11.12
C ASN A 139 -9.01 10.46 -12.56
N ALA A 140 -8.32 11.06 -13.56
CA ALA A 140 -8.65 10.76 -14.95
C ALA A 140 -7.47 10.78 -15.87
N VAL A 141 -7.56 9.92 -16.88
CA VAL A 141 -6.61 9.81 -17.96
C VAL A 141 -7.41 9.85 -19.30
N SER A 142 -6.90 10.61 -20.27
CA SER A 142 -7.44 10.72 -21.61
C SER A 142 -6.40 10.18 -22.60
N PHE A 143 -6.88 9.50 -23.68
CA PHE A 143 -6.03 8.97 -24.73
C PHE A 143 -6.88 8.71 -25.94
N THR A 144 -6.26 8.71 -27.11
CA THR A 144 -6.92 8.35 -28.36
C THR A 144 -6.50 6.94 -28.73
N TRP A 145 -7.41 6.20 -29.36
CA TRP A 145 -7.05 4.84 -29.81
C TRP A 145 -7.77 4.53 -31.10
N ASP A 146 -7.17 3.67 -31.91
CA ASP A 146 -7.76 3.31 -33.20
C ASP A 146 -8.72 2.16 -33.01
N VAL A 147 -9.97 2.34 -33.43
CA VAL A 147 -11.00 1.30 -33.33
C VAL A 147 -10.61 -0.01 -34.08
N ASN A 148 -9.87 0.10 -35.21
CA ASN A 148 -9.44 -1.05 -36.02
C ASN A 148 -8.46 -1.93 -35.30
N GLU A 149 -7.97 -1.49 -34.14
CA GLU A 149 -7.11 -2.21 -33.22
C GLU A 149 -7.86 -2.32 -31.88
N GLU A 150 -7.29 -3.10 -30.97
CA GLU A 150 -7.76 -3.29 -29.60
C GLU A 150 -6.81 -2.46 -28.72
N ALA A 151 -7.36 -1.58 -27.85
CA ALA A 151 -6.57 -0.72 -26.98
C ALA A 151 -6.22 -1.41 -25.64
N LYS A 152 -4.99 -1.22 -25.17
CA LYS A 152 -4.54 -1.81 -23.90
C LYS A 152 -3.82 -0.81 -23.03
N ILE A 153 -4.28 -0.65 -21.79
CA ILE A 153 -3.72 0.28 -20.81
C ILE A 153 -3.54 -0.42 -19.50
N PHE A 154 -2.52 -0.03 -18.76
CA PHE A 154 -2.24 -0.54 -17.42
C PHE A 154 -2.47 0.59 -16.46
N ILE A 155 -3.43 0.45 -15.54
CA ILE A 155 -3.71 1.51 -14.58
C ILE A 155 -3.64 1.05 -13.16
N THR A 156 -3.43 2.00 -12.23
CA THR A 156 -3.44 1.79 -10.80
C THR A 156 -4.28 2.83 -10.08
N VAL A 157 -4.92 2.41 -8.98
CA VAL A 157 -5.78 3.25 -8.11
C VAL A 157 -5.00 3.43 -6.79
N ASN A 158 -4.71 4.68 -6.39
CA ASN A 158 -3.87 4.96 -5.24
C ASN A 158 -4.62 5.37 -3.99
N CYS A 159 -5.91 5.09 -3.96
CA CYS A 159 -6.76 5.39 -2.82
C CYS A 159 -7.40 4.13 -2.29
N LEU A 160 -7.34 3.89 -0.99
CA LEU A 160 -8.02 2.72 -0.43
C LEU A 160 -9.48 3.07 -0.24
N SER A 161 -10.38 2.06 -0.32
CA SER A 161 -11.80 2.27 -0.15
C SER A 161 -12.16 2.82 1.23
N THR A 162 -11.24 2.63 2.20
CA THR A 162 -11.35 3.04 3.62
C THR A 162 -10.62 4.34 3.93
N ASP A 163 -10.14 5.05 2.91
CA ASP A 163 -9.40 6.31 3.12
C ASP A 163 -10.28 7.57 3.11
N PHE A 164 -11.60 7.42 3.06
CA PHE A 164 -12.43 8.60 2.98
C PHE A 164 -13.12 8.91 4.29
N SER A 165 -12.76 8.17 5.34
CA SER A 165 -13.18 8.32 6.73
C SER A 165 -11.98 8.01 7.62
N SER A 166 -12.04 8.55 8.85
CA SER A 166 -11.01 8.39 9.89
C SER A 166 -11.35 7.23 10.82
N GLY A 172 -16.27 1.28 4.07
CA GLY A 172 -15.67 1.40 2.75
C GLY A 172 -16.58 2.06 1.74
N LEU A 173 -16.11 3.16 1.09
CA LEU A 173 -16.89 3.89 0.10
C LEU A 173 -16.99 3.16 -1.23
N PRO A 174 -18.20 3.02 -1.84
CA PRO A 174 -18.26 2.36 -3.16
C PRO A 174 -17.71 3.25 -4.26
N LEU A 175 -16.55 2.87 -4.78
CA LEU A 175 -15.87 3.54 -5.88
C LEU A 175 -16.12 2.75 -7.15
N MET A 176 -15.77 3.35 -8.30
CA MET A 176 -15.93 2.71 -9.61
C MET A 176 -15.00 3.30 -10.63
N ILE A 177 -14.71 2.50 -11.64
CA ILE A 177 -13.93 2.95 -12.78
C ILE A 177 -14.95 3.22 -13.86
N GLN A 178 -14.94 4.43 -14.39
CA GLN A 178 -15.82 4.81 -15.48
C GLN A 178 -14.98 5.06 -16.72
N ILE A 179 -15.47 4.59 -17.87
CA ILE A 179 -14.84 4.81 -19.15
C ILE A 179 -15.81 5.57 -20.03
N ASP A 180 -15.37 6.75 -20.53
CA ASP A 180 -16.15 7.56 -21.44
C ASP A 180 -15.47 7.54 -22.76
N THR A 181 -16.24 7.22 -23.82
CA THR A 181 -15.75 7.15 -25.18
C THR A 181 -16.36 8.28 -25.99
N TYR A 182 -15.51 9.12 -26.58
CA TYR A 182 -15.98 10.26 -27.34
C TYR A 182 -15.63 10.16 -28.78
N SER A 183 -16.35 10.89 -29.62
CA SER A 183 -15.99 11.00 -31.02
C SER A 183 -14.79 11.94 -31.04
N TYR A 184 -13.91 11.69 -31.98
CA TYR A 184 -12.70 12.46 -32.24
C TYR A 184 -12.99 13.42 -33.42
N ASN A 185 -14.22 13.34 -33.97
CA ASN A 185 -14.65 14.11 -35.13
C ASN A 185 -15.55 15.25 -34.81
N ASN A 186 -15.66 15.59 -33.52
CA ASN A 186 -16.46 16.71 -33.03
C ASN A 186 -16.07 17.06 -31.61
N ARG A 187 -16.43 18.24 -31.21
CA ARG A 187 -16.19 18.87 -29.89
C ARG A 187 -17.41 18.76 -28.94
N SER A 188 -18.30 17.77 -29.16
CA SER A 188 -19.45 17.46 -28.31
C SER A 188 -19.00 17.12 -26.89
N ASN A 189 -19.85 17.51 -25.97
CA ASN A 189 -19.68 17.34 -24.52
C ASN A 189 -20.34 16.03 -24.10
N LYS A 190 -20.79 15.26 -25.09
CA LYS A 190 -21.50 14.03 -24.84
C LYS A 190 -20.73 12.83 -25.36
N PRO A 191 -20.49 11.79 -24.54
CA PRO A 191 -19.78 10.62 -25.07
C PRO A 191 -20.73 9.80 -25.95
N ILE A 192 -20.15 8.98 -26.87
CA ILE A 192 -20.87 8.07 -27.75
C ILE A 192 -21.11 6.73 -27.01
N HIS A 193 -20.38 6.50 -25.94
CA HIS A 193 -20.52 5.30 -25.11
C HIS A 193 -19.95 5.55 -23.73
N ARG A 194 -20.59 4.94 -22.71
CA ARG A 194 -20.21 4.96 -21.29
C ARG A 194 -20.30 3.57 -20.70
N ALA A 195 -19.36 3.24 -19.81
CA ALA A 195 -19.40 1.98 -19.11
C ALA A 195 -18.71 2.11 -17.75
N TYR A 196 -19.16 1.30 -16.78
CA TYR A 196 -18.61 1.33 -15.43
C TYR A 196 -18.21 -0.04 -14.92
N CYS A 197 -17.42 -0.02 -13.86
CA CYS A 197 -16.99 -1.20 -13.13
C CYS A 197 -16.76 -0.78 -11.69
N GLN A 198 -17.59 -1.30 -10.75
CA GLN A 198 -17.43 -1.05 -9.31
C GLN A 198 -16.14 -1.68 -8.86
N ILE A 199 -15.43 -0.98 -7.99
CA ILE A 199 -14.15 -1.45 -7.46
C ILE A 199 -14.07 -1.25 -5.95
N LYS A 200 -13.21 -2.05 -5.31
CA LYS A 200 -12.84 -1.99 -3.89
C LYS A 200 -11.32 -2.02 -3.90
N VAL A 201 -10.67 -1.01 -3.28
CA VAL A 201 -9.21 -0.95 -3.31
C VAL A 201 -8.66 -1.24 -1.92
N PHE A 202 -7.78 -2.22 -1.89
CA PHE A 202 -7.15 -2.76 -0.71
C PHE A 202 -5.66 -2.51 -0.70
N CYS A 203 -5.02 -2.80 0.44
CA CYS A 203 -3.59 -2.67 0.56
C CYS A 203 -3.06 -4.06 0.87
N ASP A 204 -1.73 -4.23 0.81
CA ASP A 204 -1.00 -5.46 1.16
C ASP A 204 -1.67 -6.78 0.64
N LYS A 205 -2.02 -6.89 -0.68
CA LYS A 205 -2.69 -8.08 -1.26
C LYS A 205 -4.04 -8.39 -0.59
N GLY A 206 -4.77 -7.35 -0.20
CA GLY A 206 -6.07 -7.46 0.45
C GLY A 206 -7.15 -8.03 -0.44
N ALA A 207 -7.05 -7.72 -1.73
CA ALA A 207 -7.94 -8.19 -2.80
C ALA A 207 -7.95 -9.73 -2.84
N GLU A 208 -6.75 -10.36 -2.81
CA GLU A 208 -6.60 -11.82 -2.79
C GLU A 208 -7.13 -12.40 -1.47
N ARG A 209 -6.80 -11.74 -0.34
CA ARG A 209 -7.26 -12.08 1.02
C ARG A 209 -8.80 -12.03 1.15
N LYS A 210 -9.46 -11.06 0.48
CA LYS A 210 -10.92 -10.90 0.50
C LYS A 210 -11.58 -12.05 -0.25
N ILE A 211 -11.05 -12.42 -1.43
CA ILE A 211 -11.54 -13.56 -2.22
C ILE A 211 -11.37 -14.88 -1.44
N ARG A 212 -10.18 -15.07 -0.85
CA ARG A 212 -9.80 -16.26 -0.08
C ARG A 212 -10.76 -16.44 1.10
N ASP A 213 -11.09 -15.32 1.77
CA ASP A 213 -12.01 -15.30 2.91
C ASP A 213 -13.45 -15.58 2.46
N GLU A 214 -13.83 -15.14 1.26
CA GLU A 214 -15.16 -15.40 0.70
C GLU A 214 -15.33 -16.90 0.42
N GLU A 215 -14.28 -17.54 -0.12
CA GLU A 215 -14.23 -18.98 -0.44
C GLU A 215 -14.41 -19.83 0.82
N ARG A 216 -13.78 -19.41 1.94
CA ARG A 216 -13.87 -20.07 3.24
C ARG A 216 -15.30 -19.94 3.75
N ASP A 250 -11.43 -14.21 -14.16
CA ASP A 250 -10.22 -13.44 -14.40
C ASP A 250 -10.52 -12.08 -15.08
N ILE A 251 -11.37 -12.10 -16.10
CA ILE A 251 -11.73 -10.90 -16.84
C ILE A 251 -13.13 -10.43 -16.46
N THR A 252 -13.26 -9.13 -16.22
CA THR A 252 -14.54 -8.51 -15.88
C THR A 252 -14.92 -7.53 -17.00
N TYR A 253 -16.15 -7.66 -17.53
CA TYR A 253 -16.69 -6.77 -18.57
C TYR A 253 -17.45 -5.61 -17.92
N PHE A 254 -17.15 -4.38 -18.34
CA PHE A 254 -17.78 -3.16 -17.86
C PHE A 254 -19.26 -3.16 -18.27
N LYS A 255 -20.12 -2.54 -17.45
CA LYS A 255 -21.55 -2.49 -17.76
C LYS A 255 -21.88 -1.12 -18.38
N THR A 256 -22.52 -1.16 -19.54
CA THR A 256 -22.91 0.01 -20.30
C THR A 256 -23.88 0.89 -19.51
N MET A 257 -23.55 2.19 -19.43
CA MET A 257 -24.36 3.19 -18.72
C MET A 257 -25.32 3.86 -19.71
N PRO A 258 -26.65 3.70 -19.48
CA PRO A 258 -27.63 4.30 -20.41
C PRO A 258 -27.69 5.84 -20.46
N ASP A 259 -27.08 6.54 -19.48
CA ASP A 259 -27.11 8.00 -19.46
C ASP A 259 -25.79 8.64 -19.92
N LEU A 260 -25.85 9.37 -21.05
CA LEU A 260 -24.72 10.09 -21.67
C LEU A 260 -24.76 11.58 -21.32
N HIS A 261 -25.83 12.02 -20.63
CA HIS A 261 -26.05 13.40 -20.23
C HIS A 261 -25.34 13.75 -18.93
N SER A 262 -25.39 12.85 -17.91
CA SER A 262 -24.74 12.99 -16.59
C SER A 262 -23.26 13.30 -16.71
N GLN A 263 -22.72 14.16 -15.83
CA GLN A 263 -21.30 14.46 -15.93
C GLN A 263 -20.48 13.91 -14.72
N PRO A 264 -19.36 13.23 -15.02
CA PRO A 264 -18.52 12.69 -13.92
C PRO A 264 -17.83 13.80 -13.14
N VAL A 265 -17.66 13.61 -11.80
CA VAL A 265 -17.01 14.59 -10.96
C VAL A 265 -15.51 14.26 -11.00
N LEU A 266 -14.73 15.14 -11.65
CA LEU A 266 -13.29 15.02 -11.76
C LEU A 266 -12.62 16.02 -10.85
N PHE A 267 -11.53 15.58 -10.23
CA PHE A 267 -10.82 16.36 -9.25
C PHE A 267 -9.44 16.86 -9.70
N ILE A 268 -9.18 18.16 -9.54
CA ILE A 268 -7.87 18.77 -9.82
C ILE A 268 -7.54 19.67 -8.65
N PRO A 269 -6.56 19.34 -7.77
CA PRO A 269 -6.28 20.23 -6.65
C PRO A 269 -5.50 21.50 -7.03
N ASP A 270 -5.52 22.50 -6.14
CA ASP A 270 -4.81 23.76 -6.29
C ASP A 270 -3.28 23.55 -6.10
N VAL A 271 -2.52 23.73 -7.20
CA VAL A 271 -1.06 23.59 -7.22
C VAL A 271 -0.46 24.82 -7.94
N THR B 33 25.66 -13.27 6.22
CA THR B 33 25.47 -11.85 5.88
C THR B 33 23.96 -11.52 5.66
N PHE B 34 23.31 -10.84 6.66
CA PHE B 34 21.88 -10.57 6.66
C PHE B 34 21.47 -9.18 6.24
N GLN B 35 20.18 -9.03 5.85
CA GLN B 35 19.60 -7.78 5.44
C GLN B 35 18.09 -7.73 5.70
N TYR B 36 17.62 -6.62 6.33
CA TYR B 36 16.20 -6.45 6.61
C TYR B 36 15.70 -5.14 6.02
N THR B 37 14.45 -5.12 5.59
CA THR B 37 13.83 -3.93 5.02
C THR B 37 12.48 -3.63 5.66
N LEU B 38 12.11 -2.36 5.64
CA LEU B 38 10.82 -1.89 6.12
C LEU B 38 10.14 -1.15 4.97
N GLU B 39 8.97 -1.65 4.54
CA GLU B 39 8.20 -1.05 3.45
C GLU B 39 7.23 -0.03 4.04
N ALA B 40 7.66 1.24 4.15
CA ALA B 40 6.81 2.36 4.62
C ALA B 40 7.07 3.64 3.78
N THR B 41 6.08 4.57 3.61
CA THR B 41 6.33 5.79 2.83
C THR B 41 7.45 6.63 3.51
N LYS B 42 8.51 6.89 2.69
CA LYS B 42 9.72 7.65 3.00
C LYS B 42 9.50 9.13 2.67
N SER B 43 10.43 9.98 3.15
CA SER B 43 10.48 11.43 2.94
C SER B 43 11.75 11.71 2.11
N LEU B 44 12.05 12.99 1.78
CA LEU B 44 13.28 13.39 1.08
C LEU B 44 14.47 13.09 2.03
N ARG B 45 15.02 11.89 1.85
CA ARG B 45 16.13 11.31 2.61
C ARG B 45 17.21 10.94 1.60
N GLN B 46 18.34 11.65 1.75
CA GLN B 46 19.52 11.66 0.89
C GLN B 46 19.11 12.24 -0.46
N GLY B 51 21.18 6.83 11.31
CA GLY B 51 21.07 6.20 10.00
C GLY B 51 19.64 6.08 9.45
N PRO B 52 19.03 4.86 9.51
CA PRO B 52 17.66 4.71 9.01
C PRO B 52 16.60 5.27 9.95
N MET B 53 15.69 6.06 9.39
CA MET B 53 14.57 6.68 10.10
C MET B 53 13.31 6.52 9.24
N THR B 54 12.21 6.10 9.87
CA THR B 54 10.95 5.89 9.18
C THR B 54 9.79 6.42 10.03
N TYR B 55 8.79 7.01 9.39
CA TYR B 55 7.59 7.53 10.02
C TYR B 55 6.48 6.49 9.83
N LEU B 56 5.91 6.05 10.94
CA LEU B 56 4.86 5.02 10.95
C LEU B 56 3.61 5.58 11.56
N ASN B 57 2.45 5.00 11.17
CA ASN B 57 1.16 5.34 11.75
C ASN B 57 0.75 4.18 12.67
N LYS B 58 0.31 4.53 13.88
CA LYS B 58 -0.17 3.60 14.91
C LYS B 58 -1.33 2.72 14.35
N GLY B 59 -1.24 1.41 14.58
CA GLY B 59 -2.26 0.44 14.16
C GLY B 59 -2.24 0.04 12.70
N GLN B 60 -1.38 0.70 11.87
CA GLN B 60 -1.20 0.42 10.45
C GLN B 60 -0.07 -0.62 10.30
N PHE B 61 -0.31 -1.68 9.51
CA PHE B 61 0.65 -2.74 9.26
C PHE B 61 1.71 -2.40 8.21
N TYR B 62 2.95 -2.73 8.48
CA TYR B 62 4.05 -2.46 7.57
C TYR B 62 4.87 -3.71 7.38
N ALA B 63 5.22 -3.97 6.13
CA ALA B 63 5.98 -5.14 5.72
C ALA B 63 7.44 -5.02 6.05
N ILE B 64 7.94 -5.99 6.79
CA ILE B 64 9.34 -6.17 7.14
C ILE B 64 9.77 -7.39 6.36
N THR B 65 10.92 -7.30 5.68
CA THR B 65 11.48 -8.35 4.85
C THR B 65 12.88 -8.72 5.37
N LEU B 66 13.09 -10.02 5.59
CA LEU B 66 14.36 -10.52 6.14
C LEU B 66 14.92 -11.46 5.14
N SER B 67 16.21 -11.30 4.82
CA SER B 67 16.87 -12.15 3.86
C SER B 67 18.35 -12.29 4.17
N GLU B 68 18.96 -13.38 3.74
CA GLU B 68 20.38 -13.60 3.89
C GLU B 68 21.02 -13.51 2.50
N THR B 69 22.25 -12.99 2.44
CA THR B 69 23.03 -12.86 1.21
C THR B 69 24.32 -13.65 1.31
N CYS B 74 25.18 -21.61 0.83
CA CYS B 74 26.37 -21.90 1.61
C CYS B 74 26.03 -22.95 2.68
N PHE B 75 24.96 -22.68 3.47
CA PHE B 75 24.43 -23.56 4.53
C PHE B 75 23.26 -24.27 3.90
N ARG B 76 23.22 -25.59 4.07
CA ARG B 76 22.22 -26.39 3.38
C ARG B 76 21.51 -27.35 4.25
N HIS B 77 20.30 -27.71 3.81
CA HIS B 77 19.42 -28.60 4.54
C HIS B 77 20.16 -29.78 5.13
N PRO B 78 19.89 -30.06 6.40
CA PRO B 78 18.90 -29.40 7.25
C PRO B 78 19.33 -28.07 7.89
N ILE B 79 20.55 -27.56 7.64
CA ILE B 79 20.99 -26.29 8.22
C ILE B 79 20.41 -25.09 7.44
N SER B 80 19.09 -24.85 7.51
CA SER B 80 18.54 -23.73 6.75
C SER B 80 17.79 -22.69 7.60
N LYS B 81 17.37 -23.04 8.84
CA LYS B 81 16.58 -22.20 9.74
C LYS B 81 17.37 -21.26 10.59
N VAL B 82 16.75 -20.14 10.93
CA VAL B 82 17.28 -19.09 11.79
C VAL B 82 16.10 -18.55 12.55
N ARG B 83 16.35 -18.04 13.74
CA ARG B 83 15.29 -17.49 14.56
C ARG B 83 15.53 -16.00 14.75
N SER B 84 14.54 -15.20 14.33
CA SER B 84 14.66 -13.76 14.48
C SER B 84 13.68 -13.22 15.51
N VAL B 85 14.10 -12.17 16.20
CA VAL B 85 13.32 -11.46 17.20
C VAL B 85 13.17 -10.03 16.75
N VAL B 86 11.92 -9.60 16.47
CA VAL B 86 11.57 -8.23 16.06
C VAL B 86 11.08 -7.56 17.33
N MET B 87 11.70 -6.41 17.69
CA MET B 87 11.39 -5.65 18.91
C MET B 87 11.16 -4.16 18.68
N VAL B 88 10.45 -3.52 19.57
CA VAL B 88 10.23 -2.07 19.63
C VAL B 88 10.87 -1.61 20.96
N VAL B 89 12.03 -0.95 20.86
CA VAL B 89 12.86 -0.54 21.99
C VAL B 89 13.23 0.96 21.85
N PHE B 90 13.92 1.55 22.84
CA PHE B 90 14.40 2.93 22.75
C PHE B 90 15.80 3.03 22.10
N SER B 91 15.96 4.03 21.22
CA SER B 91 17.18 4.33 20.45
C SER B 91 18.34 4.95 21.27
N GLU B 92 18.04 5.97 22.13
CA GLU B 92 19.00 6.71 22.98
C GLU B 92 19.90 5.85 23.88
N ASP B 93 19.52 4.57 24.06
CA ASP B 93 20.21 3.58 24.87
C ASP B 93 20.34 4.06 26.32
N LYS B 94 19.16 4.25 26.95
CA LYS B 94 19.01 4.63 28.35
C LYS B 94 19.12 3.34 29.17
N ASN B 95 19.46 3.43 30.46
CA ASN B 95 19.55 2.21 31.25
C ASN B 95 18.24 1.42 31.26
N ARG B 96 18.35 0.14 31.52
CA ARG B 96 17.26 -0.82 31.58
C ARG B 96 16.06 -0.35 32.38
N ASP B 97 16.30 0.18 33.58
CA ASP B 97 15.31 0.64 34.56
C ASP B 97 14.52 1.81 34.06
N GLU B 98 15.19 2.73 33.33
CA GLU B 98 14.56 3.89 32.70
C GLU B 98 13.61 3.45 31.61
N GLN B 99 14.04 2.46 30.78
CA GLN B 99 13.27 1.94 29.67
C GLN B 99 12.01 1.19 30.14
N LEU B 100 12.11 0.42 31.26
CA LEU B 100 10.95 -0.28 31.81
C LEU B 100 9.99 0.72 32.47
N LYS B 101 10.52 1.91 32.83
CA LYS B 101 9.74 2.97 33.43
C LYS B 101 8.82 3.57 32.34
N TYR B 102 9.35 3.86 31.13
CA TYR B 102 8.58 4.42 30.01
C TYR B 102 7.51 3.42 29.54
N TRP B 103 7.82 2.11 29.57
CA TRP B 103 6.85 1.08 29.19
C TRP B 103 5.68 0.94 30.18
N LYS B 104 5.95 0.90 31.53
CA LYS B 104 4.87 0.85 32.56
C LYS B 104 3.97 2.08 32.53
N TYR B 105 4.55 3.28 32.28
CA TYR B 105 3.81 4.54 32.13
C TYR B 105 2.88 4.43 30.91
N TRP B 106 3.41 3.95 29.79
CA TRP B 106 2.64 3.75 28.57
C TRP B 106 1.53 2.70 28.80
N HIS B 107 1.88 1.56 29.40
CA HIS B 107 0.96 0.45 29.64
C HIS B 107 -0.21 0.85 30.57
N SER B 108 0.08 1.66 31.60
CA SER B 108 -0.92 2.17 32.56
C SER B 108 -1.98 3.09 31.93
N ARG B 109 -1.63 3.73 30.81
CA ARG B 109 -2.47 4.68 30.07
C ARG B 109 -3.33 4.01 28.97
N GLN B 110 -3.19 2.69 28.74
CA GLN B 110 -3.97 1.93 27.74
C GLN B 110 -5.35 1.57 28.28
N HIS B 111 -6.34 1.43 27.39
CA HIS B 111 -7.71 1.08 27.76
C HIS B 111 -7.88 -0.39 28.13
N THR B 112 -6.96 -1.25 27.65
CA THR B 112 -6.96 -2.68 27.91
C THR B 112 -5.59 -3.14 28.40
N ALA B 113 -5.61 -4.05 29.38
CA ALA B 113 -4.38 -4.62 29.94
C ALA B 113 -3.67 -5.47 28.88
N LYS B 114 -4.45 -6.14 28.01
CA LYS B 114 -3.98 -7.04 26.96
C LYS B 114 -3.23 -6.33 25.86
N GLN B 115 -3.34 -5.00 25.77
CA GLN B 115 -2.70 -4.25 24.70
C GLN B 115 -1.20 -4.40 24.66
N ARG B 116 -0.68 -4.65 23.45
CA ARG B 116 0.73 -4.84 23.15
C ARG B 116 1.30 -3.66 22.36
N VAL B 117 2.63 -3.42 22.51
CA VAL B 117 3.38 -2.39 21.79
C VAL B 117 3.52 -2.86 20.34
N LEU B 118 3.98 -4.12 20.16
CA LEU B 118 4.22 -4.75 18.89
C LEU B 118 3.25 -5.91 18.64
N ASP B 119 2.59 -5.87 17.48
CA ASP B 119 1.63 -6.87 16.98
C ASP B 119 2.01 -7.30 15.58
N ILE B 120 1.74 -8.58 15.27
CA ILE B 120 2.03 -9.23 13.99
C ILE B 120 0.71 -9.64 13.32
N ALA B 121 0.60 -9.40 11.99
CA ALA B 121 -0.55 -9.75 11.16
C ALA B 121 -0.44 -11.18 10.70
N ASP B 122 -1.59 -11.88 10.70
CA ASP B 122 -1.72 -13.29 10.32
C ASP B 122 -1.81 -13.55 8.80
N TYR B 123 -1.60 -12.51 7.95
CA TYR B 123 -1.65 -12.62 6.49
C TYR B 123 -0.81 -13.79 5.93
N LYS B 124 -1.39 -14.60 5.02
CA LYS B 124 -0.76 -15.79 4.42
C LYS B 124 0.57 -15.53 3.72
N GLU B 125 0.73 -14.30 3.16
CA GLU B 125 1.95 -13.84 2.48
C GLU B 125 3.11 -13.97 3.46
N SER B 126 2.84 -13.63 4.72
CA SER B 126 3.79 -13.73 5.83
C SER B 126 3.84 -15.12 6.41
N PHE B 127 2.71 -15.67 6.85
CA PHE B 127 2.64 -16.93 7.58
C PHE B 127 3.10 -18.16 6.77
N ASN B 128 3.18 -18.05 5.44
CA ASN B 128 3.69 -19.15 4.63
C ASN B 128 5.22 -19.15 4.65
N THR B 129 5.84 -17.97 4.85
CA THR B 129 7.30 -17.82 4.86
C THR B 129 7.96 -17.98 6.24
N ILE B 130 7.16 -17.90 7.33
CA ILE B 130 7.66 -17.95 8.71
C ILE B 130 6.96 -19.01 9.57
N GLY B 131 7.64 -19.43 10.62
CA GLY B 131 7.11 -20.42 11.56
C GLY B 131 7.39 -20.08 12.98
N ASN B 132 6.89 -20.90 13.90
CA ASN B 132 7.11 -20.80 15.33
C ASN B 132 6.93 -19.36 15.85
N ILE B 133 5.78 -18.73 15.53
CA ILE B 133 5.51 -17.37 15.95
C ILE B 133 5.14 -17.37 17.41
N GLU B 134 5.94 -16.63 18.21
CA GLU B 134 5.79 -16.45 19.65
C GLU B 134 5.79 -14.96 20.00
N GLU B 135 4.81 -14.54 20.80
CA GLU B 135 4.70 -13.16 21.30
C GLU B 135 5.39 -13.18 22.65
N ILE B 136 6.74 -13.23 22.61
CA ILE B 136 7.60 -13.41 23.79
C ILE B 136 7.53 -12.26 24.81
N ALA B 137 7.13 -11.03 24.36
CA ALA B 137 6.99 -9.84 25.23
C ALA B 137 6.00 -8.90 24.63
N TYR B 138 5.64 -7.83 25.33
CA TYR B 138 4.68 -6.87 24.76
C TYR B 138 5.27 -6.08 23.58
N ASN B 139 6.61 -5.97 23.55
CA ASN B 139 7.30 -5.26 22.50
C ASN B 139 8.16 -6.20 21.66
N ALA B 140 7.90 -7.51 21.69
CA ALA B 140 8.69 -8.44 20.86
C ALA B 140 7.93 -9.59 20.31
N VAL B 141 8.34 -10.04 19.13
CA VAL B 141 7.79 -11.19 18.44
C VAL B 141 8.96 -12.08 18.03
N SER B 142 8.82 -13.38 18.19
CA SER B 142 9.83 -14.33 17.78
C SER B 142 9.24 -15.26 16.73
N PHE B 143 10.07 -15.64 15.75
CA PHE B 143 9.65 -16.53 14.69
C PHE B 143 10.87 -17.15 14.08
N THR B 144 10.71 -18.31 13.45
CA THR B 144 11.77 -18.98 12.69
C THR B 144 11.49 -18.76 11.22
N TRP B 145 12.58 -18.73 10.42
CA TRP B 145 12.45 -18.59 8.97
C TRP B 145 13.63 -19.28 8.23
N ASP B 146 13.36 -19.75 7.01
CA ASP B 146 14.33 -20.43 6.15
C ASP B 146 15.14 -19.42 5.35
N VAL B 147 16.46 -19.50 5.47
CA VAL B 147 17.38 -18.59 4.76
C VAL B 147 17.32 -18.69 3.21
N ASN B 148 16.87 -19.83 2.64
CA ASN B 148 16.79 -20.02 1.18
C ASN B 148 15.61 -19.28 0.56
N GLU B 149 14.71 -18.78 1.42
CA GLU B 149 13.57 -17.96 1.06
C GLU B 149 13.79 -16.58 1.72
N GLU B 150 12.95 -15.64 1.33
CA GLU B 150 12.89 -14.29 1.84
C GLU B 150 11.73 -14.29 2.84
N ALA B 151 11.97 -13.88 4.12
CA ALA B 151 10.92 -13.87 5.12
C ALA B 151 10.13 -12.55 5.05
N LYS B 152 8.81 -12.61 5.23
CA LYS B 152 7.96 -11.44 5.22
C LYS B 152 7.00 -11.46 6.37
N ILE B 153 6.97 -10.35 7.12
CA ILE B 153 6.09 -10.14 8.26
C ILE B 153 5.46 -8.78 8.17
N PHE B 154 4.26 -8.66 8.67
CA PHE B 154 3.50 -7.41 8.73
C PHE B 154 3.38 -7.04 10.19
N ILE B 155 3.95 -5.90 10.59
CA ILE B 155 3.87 -5.51 11.99
C ILE B 155 3.28 -4.13 12.16
N THR B 156 2.74 -3.88 13.37
CA THR B 156 2.23 -2.59 13.78
C THR B 156 2.78 -2.18 15.15
N VAL B 157 2.98 -0.87 15.33
CA VAL B 157 3.48 -0.27 16.58
C VAL B 157 2.29 0.50 17.19
N ASN B 158 1.92 0.16 18.44
CA ASN B 158 0.73 0.72 19.05
C ASN B 158 0.98 1.83 20.06
N CYS B 159 2.19 2.39 20.03
CA CYS B 159 2.59 3.47 20.91
C CYS B 159 3.00 4.69 20.09
N LEU B 160 2.49 5.88 20.45
CA LEU B 160 2.91 7.07 19.71
C LEU B 160 4.22 7.54 20.30
N SER B 161 5.02 8.25 19.51
CA SER B 161 6.30 8.77 19.98
C SER B 161 6.16 9.81 21.09
N THR B 162 4.96 10.46 21.19
CA THR B 162 4.60 11.46 22.21
C THR B 162 4.08 10.77 23.50
N ASP B 163 3.68 9.48 23.44
CA ASP B 163 3.10 8.74 24.58
C ASP B 163 4.08 8.53 25.78
N PHE B 164 5.31 9.07 25.65
CA PHE B 164 6.38 8.99 26.64
C PHE B 164 6.84 10.41 27.01
N PRO B 174 13.26 9.00 20.94
CA PRO B 174 13.69 8.18 19.79
C PRO B 174 13.50 6.70 20.01
N LEU B 175 12.52 6.13 19.34
CA LEU B 175 12.22 4.70 19.38
C LEU B 175 12.87 4.06 18.16
N MET B 176 12.93 2.73 18.15
CA MET B 176 13.53 2.00 17.06
C MET B 176 13.01 0.58 17.00
N ILE B 177 13.09 0.00 15.80
CA ILE B 177 12.75 -1.38 15.59
C ILE B 177 14.10 -2.09 15.52
N GLN B 178 14.28 -3.09 16.38
CA GLN B 178 15.49 -3.88 16.39
C GLN B 178 15.15 -5.29 15.95
N ILE B 179 16.01 -5.86 15.14
CA ILE B 179 15.89 -7.25 14.69
C ILE B 179 17.11 -7.99 15.13
N ASP B 180 16.91 -9.08 15.91
CA ASP B 180 17.97 -9.96 16.38
C ASP B 180 17.80 -11.25 15.69
N THR B 181 18.87 -11.74 15.08
CA THR B 181 18.90 -13.02 14.36
C THR B 181 19.76 -14.02 15.11
N TYR B 182 19.19 -15.14 15.49
CA TYR B 182 19.90 -16.16 16.24
C TYR B 182 20.06 -17.43 15.47
N SER B 183 21.02 -18.24 15.86
CA SER B 183 21.17 -19.56 15.28
C SER B 183 20.05 -20.38 15.93
N TYR B 184 19.53 -21.33 15.17
CA TYR B 184 18.50 -22.28 15.54
C TYR B 184 19.19 -23.60 15.96
N ASN B 185 20.52 -23.64 15.84
CA ASN B 185 21.30 -24.84 16.11
C ASN B 185 22.05 -24.82 17.40
N ASN B 186 21.74 -23.86 18.25
CA ASN B 186 22.31 -23.72 19.59
C ASN B 186 21.42 -22.80 20.44
N ARG B 187 21.60 -22.87 21.72
CA ARG B 187 20.87 -22.12 22.75
C ARG B 187 21.66 -20.89 23.24
N SER B 188 22.58 -20.35 22.43
CA SER B 188 23.38 -19.17 22.74
C SER B 188 22.50 -17.96 22.99
N ASN B 189 22.98 -17.11 23.88
CA ASN B 189 22.34 -15.87 24.33
C ASN B 189 22.82 -14.72 23.44
N LYS B 190 23.58 -15.03 22.41
CA LYS B 190 24.19 -14.05 21.54
C LYS B 190 23.64 -14.17 20.13
N PRO B 191 23.15 -13.08 19.50
CA PRO B 191 22.67 -13.23 18.12
C PRO B 191 23.85 -13.32 17.16
N ILE B 192 23.62 -13.86 15.95
CA ILE B 192 24.60 -13.97 14.87
C ILE B 192 24.56 -12.67 14.02
N HIS B 193 23.48 -11.89 14.16
CA HIS B 193 23.32 -10.61 13.46
C HIS B 193 22.31 -9.76 14.19
N ARG B 194 22.54 -8.43 14.17
CA ARG B 194 21.67 -7.38 14.72
C ARG B 194 21.54 -6.23 13.74
N ALA B 195 20.34 -5.64 13.68
CA ALA B 195 20.10 -4.47 12.86
C ALA B 195 18.99 -3.61 13.45
N TYR B 196 19.04 -2.31 13.19
CA TYR B 196 18.06 -1.36 13.72
C TYR B 196 17.49 -0.45 12.66
N CYS B 197 16.37 0.17 13.00
CA CYS B 197 15.70 1.19 12.20
C CYS B 197 14.99 2.12 13.17
N GLN B 198 15.42 3.40 13.24
CA GLN B 198 14.78 4.43 14.05
C GLN B 198 13.41 4.69 13.50
N ILE B 199 12.44 4.87 14.39
CA ILE B 199 11.05 5.11 14.01
C ILE B 199 10.44 6.25 14.82
N LYS B 200 9.39 6.89 14.21
CA LYS B 200 8.55 7.92 14.79
C LYS B 200 7.13 7.43 14.53
N VAL B 201 6.32 7.27 15.57
CA VAL B 201 4.96 6.74 15.40
C VAL B 201 3.96 7.84 15.64
N PHE B 202 3.10 8.01 14.65
CA PHE B 202 2.06 9.03 14.57
C PHE B 202 0.68 8.44 14.58
N CYS B 203 -0.30 9.28 14.68
CA CYS B 203 -1.71 8.96 14.76
C CYS B 203 -2.36 9.50 13.48
N ASP B 204 -3.57 9.02 13.10
CA ASP B 204 -4.37 9.60 12.03
C ASP B 204 -3.60 10.04 10.74
N LYS B 205 -2.81 9.15 10.13
CA LYS B 205 -1.99 9.48 8.92
C LYS B 205 -1.00 10.63 9.15
N GLY B 206 -0.44 10.69 10.37
CA GLY B 206 0.51 11.74 10.77
C GLY B 206 1.83 11.63 10.05
N ALA B 207 2.23 10.41 9.74
CA ALA B 207 3.45 10.03 9.00
C ALA B 207 3.44 10.72 7.62
N GLU B 208 2.30 10.63 6.89
CA GLU B 208 2.10 11.28 5.59
C GLU B 208 2.07 12.78 5.74
N ARG B 209 1.36 13.29 6.76
CA ARG B 209 1.28 14.72 7.10
C ARG B 209 2.66 15.34 7.47
N LYS B 210 3.55 14.56 8.13
CA LYS B 210 4.91 15.00 8.50
C LYS B 210 5.74 15.17 7.23
N ILE B 211 5.67 14.19 6.31
CA ILE B 211 6.37 14.22 5.01
C ILE B 211 5.85 15.38 4.16
N ARG B 212 4.51 15.55 4.12
CA ARG B 212 3.83 16.56 3.32
C ARG B 212 4.24 17.93 3.79
N ASP B 213 4.33 18.12 5.11
CA ASP B 213 4.75 19.36 5.73
C ASP B 213 6.24 19.66 5.48
N GLU B 214 7.08 18.62 5.41
CA GLU B 214 8.49 18.76 5.07
C GLU B 214 8.64 19.25 3.61
N GLU B 215 7.81 18.71 2.68
CA GLU B 215 7.75 19.06 1.25
C GLU B 215 7.40 20.55 1.06
N ARG B 216 6.41 21.02 1.85
CA ARG B 216 5.96 22.42 1.84
C ARG B 216 7.10 23.30 2.27
N LYS B 217 7.78 22.88 3.35
CA LYS B 217 8.94 23.56 3.89
C LYS B 217 10.09 23.60 2.89
N GLN B 218 10.28 22.50 2.13
CA GLN B 218 11.30 22.45 1.09
C GLN B 218 11.15 23.58 0.06
N GLN B 246 2.86 -3.71 -11.03
CA GLN B 246 4.20 -3.49 -10.52
C GLN B 246 4.31 -2.15 -9.74
N LYS B 247 4.20 -2.22 -8.41
CA LYS B 247 4.31 -1.04 -7.54
C LYS B 247 5.74 -0.78 -7.05
N LYS B 248 6.29 0.42 -7.39
CA LYS B 248 7.59 0.88 -6.90
C LYS B 248 7.33 1.28 -5.45
N SER B 249 8.05 0.66 -4.50
CA SER B 249 7.81 0.92 -3.07
C SER B 249 8.95 1.64 -2.42
N ASP B 250 8.62 2.50 -1.44
CA ASP B 250 9.61 3.20 -0.63
C ASP B 250 10.10 2.15 0.39
N ILE B 251 11.39 1.83 0.35
CA ILE B 251 12.00 0.79 1.18
C ILE B 251 13.16 1.37 1.96
N THR B 252 13.21 1.04 3.25
CA THR B 252 14.28 1.44 4.14
C THR B 252 15.06 0.20 4.61
N TYR B 253 16.39 0.20 4.47
CA TYR B 253 17.26 -0.90 4.90
C TYR B 253 17.74 -0.64 6.33
N PHE B 254 17.62 -1.66 7.20
CA PHE B 254 18.08 -1.61 8.57
C PHE B 254 19.63 -1.50 8.61
N LYS B 255 20.16 -0.84 9.63
CA LYS B 255 21.60 -0.67 9.76
C LYS B 255 22.15 -1.67 10.77
N THR B 256 23.16 -2.44 10.33
CA THR B 256 23.81 -3.48 11.13
C THR B 256 24.43 -2.88 12.39
N MET B 257 24.12 -3.51 13.55
CA MET B 257 24.63 -3.11 14.87
C MET B 257 25.88 -3.92 15.20
N PRO B 258 27.05 -3.25 15.34
CA PRO B 258 28.29 -4.01 15.62
C PRO B 258 28.38 -4.71 16.98
N ASP B 259 27.48 -4.40 17.93
CA ASP B 259 27.50 -5.03 19.24
C ASP B 259 26.43 -6.13 19.42
N LEU B 260 26.89 -7.38 19.62
CA LEU B 260 26.08 -8.59 19.83
C LEU B 260 26.00 -8.95 21.32
N HIS B 261 26.74 -8.20 22.15
CA HIS B 261 26.83 -8.39 23.59
C HIS B 261 25.70 -7.70 24.34
N SER B 262 25.35 -6.45 23.95
CA SER B 262 24.27 -5.62 24.53
C SER B 262 22.94 -6.37 24.54
N GLN B 263 22.13 -6.24 25.59
CA GLN B 263 20.83 -6.91 25.62
C GLN B 263 19.67 -5.93 25.56
N PRO B 264 18.71 -6.17 24.63
CA PRO B 264 17.55 -5.26 24.50
C PRO B 264 16.62 -5.31 25.69
N VAL B 265 15.97 -4.16 26.02
CA VAL B 265 15.05 -4.10 27.15
C VAL B 265 13.70 -4.50 26.64
N LEU B 266 13.21 -5.67 27.06
CA LEU B 266 11.91 -6.21 26.70
C LEU B 266 10.98 -6.08 27.87
N PHE B 267 9.72 -5.70 27.57
CA PHE B 267 8.71 -5.45 28.59
C PHE B 267 7.59 -6.49 28.64
N ILE B 268 7.30 -7.01 29.86
CA ILE B 268 6.19 -7.96 30.07
C ILE B 268 5.46 -7.49 31.31
N PRO B 269 4.23 -6.93 31.23
CA PRO B 269 3.56 -6.48 32.46
C PRO B 269 3.02 -7.63 33.33
N ASP B 270 2.65 -7.32 34.59
CA ASP B 270 2.10 -8.26 35.56
C ASP B 270 0.71 -8.75 35.15
#